data_3MUP
#
_entry.id   3MUP
#
_cell.length_a   71.630
_cell.length_b   79.790
_cell.length_c   98.410
_cell.angle_alpha   90.00
_cell.angle_beta   92.48
_cell.angle_gamma   90.00
#
_symmetry.space_group_name_H-M   'C 1 2 1'
#
loop_
_entity.id
_entity.type
_entity.pdbx_description
1 polymer 'Baculoviral IAP repeat-containing protein 2'
2 non-polymer (3S,6S,7R,9aS)-6-{[(2S)-2-aminobutanoyl]amino}-7-(2-aminoethyl)-N-(diphenylmethyl)-5-oxooctahydro-1H-pyrrolo[1,2-a]azepine-3-carboxamide
3 non-polymer 'ZINC ION'
4 water water
#
_entity_poly.entity_id   1
_entity_poly.type   'polypeptide(L)'
_entity_poly.pdbx_seq_one_letter_code
;MENSLETLRFSISNLSMQTHAARMRTFMYWPSSVPVQPEQLASAGFYYVGRNDDVKCFCCDGGLRCWESGDDPWVEHAKW
FPRCEFLIRMKGQEFVDEIQGRYPHLLEQLLSTSLEHHHHHH
;
_entity_poly.pdbx_strand_id   A,B,C,D
#
# COMPACT_ATOMS: atom_id res chain seq x y z
N SER A 11 5.20 29.53 -10.96
CA SER A 11 3.80 29.85 -11.26
C SER A 11 2.84 29.37 -10.16
N ILE A 12 1.89 30.26 -9.77
CA ILE A 12 0.84 30.09 -8.75
C ILE A 12 -0.11 28.94 -9.12
N SER A 13 -0.21 27.93 -8.24
CA SER A 13 -1.05 26.74 -8.41
C SER A 13 -2.54 27.02 -8.16
N ASN A 14 -2.87 27.97 -7.26
CA ASN A 14 -4.26 28.32 -6.98
C ASN A 14 -4.38 29.85 -6.91
N LEU A 15 -4.84 30.49 -8.00
CA LEU A 15 -4.99 31.93 -8.09
C LEU A 15 -6.05 32.47 -7.13
N SER A 16 -7.05 31.66 -6.76
CA SER A 16 -8.09 32.11 -5.83
C SER A 16 -7.63 32.15 -4.34
N MET A 17 -6.53 31.47 -4.00
CA MET A 17 -6.01 31.43 -2.64
C MET A 17 -4.76 32.31 -2.44
N GLN A 18 -4.54 33.29 -3.33
CA GLN A 18 -3.44 34.27 -3.32
C GLN A 18 -3.38 35.16 -2.07
N THR A 19 -4.55 35.45 -1.49
CA THR A 19 -4.75 36.39 -0.37
C THR A 19 -5.01 35.70 0.94
N HIS A 20 -4.39 36.19 2.02
CA HIS A 20 -4.51 35.70 3.41
C HIS A 20 -5.99 35.54 3.81
N ALA A 21 -6.84 36.56 3.46
CA ALA A 21 -8.27 36.58 3.74
C ALA A 21 -9.00 35.36 3.18
N ALA A 22 -8.68 34.97 1.92
CA ALA A 22 -9.29 33.82 1.23
C ALA A 22 -8.85 32.52 1.89
N ARG A 23 -7.56 32.44 2.29
CA ARG A 23 -7.02 31.25 2.98
C ARG A 23 -7.64 31.11 4.36
N MET A 24 -7.82 32.22 5.10
CA MET A 24 -8.48 32.20 6.42
C MET A 24 -9.93 31.69 6.38
N ARG A 25 -10.64 31.94 5.26
CA ARG A 25 -12.06 31.55 5.08
C ARG A 25 -12.28 30.03 4.98
N THR A 26 -11.26 29.28 4.50
CA THR A 26 -11.27 27.83 4.34
C THR A 26 -11.18 27.12 5.68
N PHE A 27 -10.68 27.83 6.71
CA PHE A 27 -10.51 27.30 8.05
C PHE A 27 -11.78 27.36 8.93
N MET A 28 -12.96 27.56 8.31
CA MET A 28 -14.25 27.58 9.00
C MET A 28 -14.58 26.23 9.70
N TYR A 29 -14.38 25.09 9.01
CA TYR A 29 -14.67 23.77 9.60
C TYR A 29 -13.37 23.03 9.96
N TRP A 30 -12.35 23.80 10.43
CA TRP A 30 -11.06 23.31 10.90
C TRP A 30 -11.25 22.72 12.31
N PRO A 31 -10.70 21.51 12.61
CA PRO A 31 -10.90 20.93 13.94
C PRO A 31 -10.25 21.72 15.07
N SER A 32 -10.98 21.86 16.19
CA SER A 32 -10.54 22.60 17.38
C SER A 32 -9.44 21.83 18.09
N SER A 33 -9.43 20.50 17.94
CA SER A 33 -8.44 19.60 18.54
C SER A 33 -7.01 19.78 18.01
N VAL A 34 -6.84 20.26 16.74
CA VAL A 34 -5.55 20.47 16.07
C VAL A 34 -4.72 21.55 16.81
N PRO A 35 -3.47 21.22 17.25
CA PRO A 35 -2.67 22.20 18.02
C PRO A 35 -2.24 23.48 17.29
N VAL A 36 -1.98 23.37 15.98
CA VAL A 36 -1.55 24.49 15.15
C VAL A 36 -2.77 25.34 14.75
N GLN A 37 -2.69 26.66 14.97
CA GLN A 37 -3.80 27.61 14.70
C GLN A 37 -3.88 28.05 13.22
N PRO A 38 -5.12 28.30 12.68
CA PRO A 38 -5.24 28.72 11.27
C PRO A 38 -4.54 30.02 10.88
N GLU A 39 -4.25 30.90 11.84
CA GLU A 39 -3.52 32.14 11.62
C GLU A 39 -2.09 31.85 11.14
N GLN A 40 -1.37 30.94 11.83
CA GLN A 40 -0.01 30.54 11.49
C GLN A 40 0.02 29.85 10.12
N LEU A 41 -0.99 28.98 9.88
CA LEU A 41 -1.10 28.25 8.62
C LEU A 41 -1.32 29.16 7.42
N ALA A 42 -2.39 30.00 7.41
CA ALA A 42 -2.69 30.92 6.32
C ALA A 42 -1.55 31.92 6.02
N SER A 43 -0.83 32.39 7.08
CA SER A 43 0.34 33.28 6.95
C SER A 43 1.49 32.58 6.20
N ALA A 44 1.59 31.23 6.31
CA ALA A 44 2.61 30.44 5.62
C ALA A 44 2.18 29.95 4.22
N GLY A 45 1.09 30.49 3.71
CA GLY A 45 0.59 30.21 2.38
C GLY A 45 -0.41 29.08 2.27
N PHE A 46 -0.76 28.46 3.40
CA PHE A 46 -1.66 27.29 3.39
C PHE A 46 -3.16 27.62 3.54
N TYR A 47 -4.00 26.83 2.88
CA TYR A 47 -5.45 26.92 2.95
C TYR A 47 -6.00 25.50 3.25
N TYR A 48 -7.15 25.40 3.94
CA TYR A 48 -7.69 24.10 4.31
C TYR A 48 -8.32 23.39 3.14
N VAL A 49 -8.07 22.07 3.00
CA VAL A 49 -8.63 21.31 1.88
C VAL A 49 -9.88 20.49 2.21
N GLY A 50 -10.40 20.71 3.42
CA GLY A 50 -11.68 20.17 3.87
C GLY A 50 -11.78 18.76 4.37
N ARG A 51 -10.63 18.08 4.56
CA ARG A 51 -10.58 16.72 5.11
C ARG A 51 -9.41 16.62 6.07
N ASN A 52 -9.59 15.84 7.16
CA ASN A 52 -8.63 15.67 8.27
C ASN A 52 -8.06 17.05 8.67
N ASP A 53 -6.73 17.16 8.81
CA ASP A 53 -6.03 18.42 9.06
C ASP A 53 -5.14 18.75 7.83
N ASP A 54 -5.59 18.31 6.63
CA ASP A 54 -4.93 18.47 5.33
C ASP A 54 -4.97 19.92 4.85
N VAL A 55 -3.79 20.51 4.56
CA VAL A 55 -3.62 21.87 4.03
C VAL A 55 -2.78 21.83 2.76
N LYS A 56 -2.95 22.83 1.90
CA LYS A 56 -2.16 22.98 0.66
C LYS A 56 -1.66 24.41 0.50
N CYS A 57 -0.48 24.62 -0.11
CA CYS A 57 0.05 25.97 -0.34
C CYS A 57 -0.49 26.43 -1.68
N PHE A 58 -1.03 27.66 -1.72
CA PHE A 58 -1.61 28.28 -2.92
C PHE A 58 -0.62 28.41 -4.10
N CYS A 59 0.68 28.41 -3.80
CA CYS A 59 1.78 28.64 -4.73
C CYS A 59 2.38 27.33 -5.30
N CYS A 60 3.03 26.51 -4.44
CA CYS A 60 3.72 25.28 -4.84
C CYS A 60 2.85 24.03 -4.86
N ASP A 61 1.56 24.13 -4.44
CA ASP A 61 0.59 23.03 -4.36
C ASP A 61 1.04 21.93 -3.36
N GLY A 62 2.03 22.25 -2.53
CA GLY A 62 2.53 21.33 -1.54
C GLY A 62 1.56 21.12 -0.40
N GLY A 63 1.25 19.86 -0.09
CA GLY A 63 0.33 19.49 0.97
C GLY A 63 0.99 18.95 2.23
N LEU A 64 0.47 19.34 3.40
CA LEU A 64 0.92 18.90 4.73
C LEU A 64 -0.26 18.47 5.58
N ARG A 65 -0.01 17.53 6.50
CA ARG A 65 -1.03 16.99 7.41
C ARG A 65 -0.35 16.51 8.70
N CYS A 66 -1.15 15.98 9.67
CA CYS A 66 -0.72 15.44 10.96
C CYS A 66 0.02 16.44 11.84
N TRP A 67 -0.55 17.65 11.96
CA TRP A 67 -0.02 18.75 12.77
C TRP A 67 -0.07 18.39 14.26
N GLU A 68 1.08 18.52 14.93
CA GLU A 68 1.24 18.22 16.35
C GLU A 68 1.68 19.48 17.12
N SER A 69 1.65 19.40 18.46
CA SER A 69 2.06 20.47 19.35
C SER A 69 3.52 20.89 19.11
N GLY A 70 3.71 22.18 18.87
CA GLY A 70 5.02 22.76 18.62
C GLY A 70 5.41 22.91 17.16
N ASP A 71 4.69 22.23 16.24
CA ASP A 71 4.95 22.27 14.79
C ASP A 71 4.75 23.68 14.23
N ASP A 72 5.77 24.20 13.52
CA ASP A 72 5.70 25.53 12.92
C ASP A 72 5.46 25.44 11.40
N PRO A 73 4.37 26.05 10.89
CA PRO A 73 4.10 26.01 9.43
C PRO A 73 5.21 26.50 8.48
N TRP A 74 5.99 27.53 8.85
CA TRP A 74 7.08 28.02 7.97
C TRP A 74 8.25 27.05 7.86
N VAL A 75 8.63 26.41 8.98
CA VAL A 75 9.70 25.41 9.06
C VAL A 75 9.29 24.14 8.27
N GLU A 76 8.03 23.70 8.41
CA GLU A 76 7.55 22.52 7.71
C GLU A 76 7.48 22.78 6.21
N HIS A 77 7.19 24.02 5.80
CA HIS A 77 7.14 24.44 4.40
C HIS A 77 8.54 24.34 3.74
N ALA A 78 9.62 24.74 4.45
CA ALA A 78 11.03 24.76 4.01
C ALA A 78 11.63 23.36 4.05
N LYS A 79 11.16 22.56 5.02
CA LYS A 79 11.55 21.18 5.26
C LYS A 79 11.09 20.36 4.04
N TRP A 80 9.81 20.47 3.62
CA TRP A 80 9.22 19.67 2.53
C TRP A 80 9.16 20.30 1.14
N PHE A 81 8.89 21.60 1.05
CA PHE A 81 8.77 22.33 -0.24
C PHE A 81 9.76 23.52 -0.32
N PRO A 82 11.09 23.26 -0.28
CA PRO A 82 12.08 24.37 -0.29
C PRO A 82 12.13 25.25 -1.53
N ARG A 83 11.73 24.73 -2.68
CA ARG A 83 11.79 25.46 -3.96
C ARG A 83 10.55 26.31 -4.24
N CYS A 84 9.61 26.38 -3.30
CA CYS A 84 8.42 27.23 -3.42
C CYS A 84 8.82 28.71 -3.46
N GLU A 85 8.44 29.42 -4.54
CA GLU A 85 8.71 30.83 -4.78
C GLU A 85 8.18 31.73 -3.68
N PHE A 86 6.98 31.43 -3.17
CA PHE A 86 6.33 32.17 -2.07
C PHE A 86 7.14 32.07 -0.75
N LEU A 87 7.51 30.85 -0.34
CA LEU A 87 8.34 30.58 0.85
C LEU A 87 9.69 31.34 0.77
N ILE A 88 10.33 31.34 -0.43
CA ILE A 88 11.59 32.04 -0.73
C ILE A 88 11.41 33.54 -0.63
N ARG A 89 10.33 34.10 -1.20
CA ARG A 89 10.10 35.55 -1.15
C ARG A 89 9.86 36.05 0.28
N MET A 90 9.15 35.28 1.10
CA MET A 90 8.76 35.65 2.47
C MET A 90 9.82 35.40 3.50
N LYS A 91 10.45 34.22 3.48
CA LYS A 91 11.44 33.76 4.47
C LYS A 91 12.91 33.95 4.09
N GLY A 92 13.19 33.99 2.78
CA GLY A 92 14.53 34.16 2.25
C GLY A 92 15.28 32.85 2.07
N GLN A 93 16.36 32.87 1.27
CA GLN A 93 17.20 31.71 0.99
C GLN A 93 17.99 31.19 2.19
N GLU A 94 18.37 32.08 3.14
CA GLU A 94 19.11 31.68 4.35
C GLU A 94 18.26 30.74 5.23
N PHE A 95 16.99 31.09 5.47
CA PHE A 95 16.06 30.31 6.27
C PHE A 95 15.89 28.93 5.64
N VAL A 96 15.50 28.89 4.34
CA VAL A 96 15.29 27.67 3.57
C VAL A 96 16.52 26.77 3.67
N ASP A 97 17.73 27.32 3.41
CA ASP A 97 19.02 26.62 3.52
C ASP A 97 19.25 26.03 4.93
N GLU A 98 19.07 26.82 6.00
CA GLU A 98 19.26 26.42 7.40
C GLU A 98 18.39 25.24 7.78
N ILE A 99 17.12 25.25 7.33
CA ILE A 99 16.17 24.18 7.60
C ILE A 99 16.55 22.92 6.79
N GLN A 100 16.99 23.09 5.55
CA GLN A 100 17.42 21.98 4.71
C GLN A 100 18.68 21.29 5.26
N GLY A 101 19.53 22.07 5.93
CA GLY A 101 20.73 21.60 6.61
C GLY A 101 20.45 20.79 7.85
N ARG A 102 19.38 21.15 8.60
CA ARG A 102 18.93 20.49 9.83
C ARG A 102 18.28 19.13 9.53
N TYR A 103 17.69 18.97 8.34
CA TYR A 103 17.01 17.77 7.89
C TYR A 103 17.65 17.29 6.57
N PRO A 104 18.88 16.70 6.60
CA PRO A 104 19.50 16.27 5.33
C PRO A 104 19.07 14.90 4.83
N HIS A 105 18.32 14.12 5.65
CA HIS A 105 17.92 12.76 5.27
C HIS A 105 16.44 12.55 5.33
N LEU A 106 15.66 13.54 4.84
CA LEU A 106 14.19 13.50 4.81
C LEU A 106 13.67 12.35 3.95
N LEU A 107 14.17 12.25 2.69
CA LEU A 107 13.83 11.18 1.76
C LEU A 107 14.13 9.82 2.40
N GLU A 108 15.34 9.65 2.95
CA GLU A 108 15.79 8.42 3.63
C GLU A 108 14.89 8.09 4.84
N GLN A 109 14.50 9.14 5.60
CA GLN A 109 13.64 9.14 6.79
C GLN A 109 12.27 8.46 6.50
N LEU A 110 11.55 8.89 5.43
CA LEU A 110 10.24 8.33 5.04
C LEU A 110 10.23 6.96 4.40
N LEU A 111 11.41 6.43 4.06
CA LEU A 111 11.55 5.11 3.42
C LEU A 111 12.10 4.03 4.39
N ILE B 12 -20.97 3.31 15.24
CA ILE B 12 -20.45 4.34 14.33
C ILE B 12 -18.94 4.53 14.52
N SER B 13 -18.16 4.32 13.44
CA SER B 13 -16.69 4.45 13.44
C SER B 13 -16.20 5.89 13.41
N ASN B 14 -16.96 6.82 12.81
CA ASN B 14 -16.61 8.23 12.74
C ASN B 14 -17.85 9.08 13.03
N LEU B 15 -17.98 9.55 14.30
CA LEU B 15 -19.12 10.34 14.73
C LEU B 15 -19.21 11.69 14.03
N SER B 16 -18.07 12.25 13.57
CA SER B 16 -18.08 13.54 12.89
C SER B 16 -18.58 13.48 11.44
N MET B 17 -18.61 12.27 10.83
CA MET B 17 -19.04 12.08 9.44
C MET B 17 -20.44 11.46 9.32
N GLN B 18 -21.26 11.57 10.39
CA GLN B 18 -22.65 11.08 10.50
C GLN B 18 -23.62 11.70 9.50
N THR B 19 -23.38 12.97 9.12
CA THR B 19 -24.25 13.81 8.28
C THR B 19 -23.70 13.97 6.86
N HIS B 20 -24.59 13.88 5.85
CA HIS B 20 -24.31 14.03 4.41
C HIS B 20 -23.51 15.33 4.15
N ALA B 21 -23.89 16.44 4.83
CA ALA B 21 -23.24 17.75 4.74
C ALA B 21 -21.76 17.69 5.08
N ALA B 22 -21.40 16.97 6.15
CA ALA B 22 -20.02 16.80 6.62
C ALA B 22 -19.21 15.96 5.62
N ARG B 23 -19.85 14.90 5.07
CA ARG B 23 -19.21 14.03 4.08
C ARG B 23 -18.98 14.78 2.78
N MET B 24 -19.97 15.61 2.34
CA MET B 24 -19.83 16.46 1.14
C MET B 24 -18.69 17.48 1.24
N ARG B 25 -18.35 17.95 2.47
CA ARG B 25 -17.31 18.95 2.70
C ARG B 25 -15.89 18.46 2.40
N THR B 26 -15.66 17.12 2.56
CA THR B 26 -14.39 16.43 2.35
C THR B 26 -14.09 16.31 0.86
N PHE B 27 -15.12 16.36 0.01
CA PHE B 27 -14.92 16.17 -1.41
C PHE B 27 -14.59 17.45 -2.17
N MET B 28 -14.22 18.51 -1.44
CA MET B 28 -13.92 19.78 -2.06
C MET B 28 -12.82 19.66 -3.10
N TYR B 29 -11.65 19.10 -2.70
CA TYR B 29 -10.50 18.92 -3.57
C TYR B 29 -10.30 17.45 -4.04
N TRP B 30 -11.44 16.79 -4.37
CA TRP B 30 -11.57 15.45 -4.95
C TRP B 30 -11.19 15.59 -6.45
N PRO B 31 -10.42 14.65 -7.03
CA PRO B 31 -10.02 14.81 -8.45
C PRO B 31 -11.18 14.82 -9.44
N SER B 32 -11.13 15.73 -10.42
CA SER B 32 -12.16 15.88 -11.45
C SER B 32 -12.12 14.72 -12.42
N SER B 33 -10.93 14.10 -12.56
CA SER B 33 -10.72 12.96 -13.45
C SER B 33 -11.49 11.68 -13.04
N VAL B 34 -11.82 11.52 -11.73
CA VAL B 34 -12.53 10.35 -11.17
C VAL B 34 -13.96 10.27 -11.74
N PRO B 35 -14.36 9.13 -12.38
CA PRO B 35 -15.70 9.06 -12.99
C PRO B 35 -16.91 9.14 -12.06
N VAL B 36 -16.77 8.61 -10.84
CA VAL B 36 -17.84 8.60 -9.83
C VAL B 36 -17.91 9.96 -9.14
N GLN B 37 -19.10 10.56 -9.07
CA GLN B 37 -19.32 11.88 -8.48
C GLN B 37 -19.46 11.89 -6.95
N PRO B 38 -19.01 12.95 -6.23
CA PRO B 38 -19.12 12.98 -4.76
C PRO B 38 -20.54 12.92 -4.18
N GLU B 39 -21.57 13.35 -4.96
CA GLU B 39 -22.98 13.25 -4.59
C GLU B 39 -23.37 11.76 -4.32
N GLN B 40 -23.01 10.83 -5.24
CA GLN B 40 -23.32 9.40 -5.11
C GLN B 40 -22.54 8.79 -3.92
N LEU B 41 -21.26 9.17 -3.79
CA LEU B 41 -20.40 8.68 -2.72
C LEU B 41 -20.91 9.05 -1.32
N ALA B 42 -21.08 10.37 -1.01
CA ALA B 42 -21.56 10.84 0.29
C ALA B 42 -22.94 10.28 0.68
N SER B 43 -23.86 10.09 -0.31
CA SER B 43 -25.19 9.48 -0.12
C SER B 43 -25.08 8.01 0.33
N ALA B 44 -23.98 7.33 -0.08
CA ALA B 44 -23.72 5.94 0.29
C ALA B 44 -22.89 5.78 1.58
N GLY B 45 -22.74 6.87 2.32
CA GLY B 45 -22.06 6.91 3.60
C GLY B 45 -20.57 7.18 3.56
N PHE B 46 -20.02 7.43 2.37
CA PHE B 46 -18.58 7.65 2.19
C PHE B 46 -18.13 9.11 2.27
N TYR B 47 -16.93 9.32 2.83
CA TYR B 47 -16.28 10.62 2.94
C TYR B 47 -14.86 10.49 2.40
N TYR B 48 -14.35 11.58 1.82
CA TYR B 48 -13.02 11.56 1.22
C TYR B 48 -11.92 11.55 2.24
N VAL B 49 -10.97 10.69 1.99
CA VAL B 49 -9.86 10.44 2.89
C VAL B 49 -8.56 11.25 2.63
N GLY B 50 -8.53 11.98 1.52
CA GLY B 50 -7.42 12.86 1.16
C GLY B 50 -6.24 12.27 0.42
N ARG B 51 -6.30 10.97 0.05
CA ARG B 51 -5.26 10.24 -0.70
C ARG B 51 -5.92 9.62 -1.92
N ASN B 52 -5.30 9.77 -3.13
CA ASN B 52 -5.82 9.15 -4.36
C ASN B 52 -7.33 9.39 -4.51
N ASP B 53 -8.11 8.32 -4.75
CA ASP B 53 -9.57 8.35 -4.82
C ASP B 53 -10.14 7.48 -3.65
N ASP B 54 -9.36 7.40 -2.53
CA ASP B 54 -9.67 6.65 -1.30
C ASP B 54 -10.80 7.28 -0.50
N VAL B 55 -11.86 6.50 -0.22
CA VAL B 55 -13.04 6.88 0.58
C VAL B 55 -13.27 5.89 1.72
N LYS B 56 -13.94 6.32 2.78
CA LYS B 56 -14.27 5.47 3.93
C LYS B 56 -15.73 5.67 4.36
N CYS B 57 -16.43 4.61 4.85
CA CYS B 57 -17.80 4.73 5.35
C CYS B 57 -17.74 5.15 6.81
N PHE B 58 -18.47 6.22 7.18
CA PHE B 58 -18.53 6.78 8.54
C PHE B 58 -18.96 5.75 9.60
N CYS B 59 -19.66 4.70 9.16
CA CYS B 59 -20.28 3.67 10.01
C CYS B 59 -19.39 2.41 10.18
N CYS B 60 -19.14 1.66 9.10
CA CYS B 60 -18.37 0.41 9.11
C CYS B 60 -16.88 0.55 8.96
N ASP B 61 -16.36 1.80 8.75
CA ASP B 61 -14.93 2.10 8.54
C ASP B 61 -14.36 1.39 7.28
N GLY B 62 -15.24 0.90 6.44
CA GLY B 62 -14.84 0.22 5.22
C GLY B 62 -14.40 1.20 4.16
N GLY B 63 -13.21 0.94 3.62
CA GLY B 63 -12.59 1.76 2.59
C GLY B 63 -12.65 1.20 1.18
N LEU B 64 -12.86 2.08 0.20
CA LEU B 64 -12.90 1.74 -1.23
C LEU B 64 -12.05 2.72 -2.03
N ARG B 65 -11.49 2.24 -3.15
CA ARG B 65 -10.65 3.04 -4.05
C ARG B 65 -10.73 2.50 -5.47
N CYS B 66 -10.01 3.13 -6.43
CA CYS B 66 -9.94 2.76 -7.86
C CYS B 66 -11.28 2.76 -8.57
N TRP B 67 -12.05 3.86 -8.36
CA TRP B 67 -13.37 4.08 -8.95
C TRP B 67 -13.25 4.26 -10.47
N GLU B 68 -14.04 3.48 -11.20
CA GLU B 68 -14.07 3.49 -12.66
C GLU B 68 -15.47 3.86 -13.17
N SER B 69 -15.59 4.13 -14.49
CA SER B 69 -16.84 4.49 -15.16
C SER B 69 -17.90 3.43 -14.97
N GLY B 70 -19.05 3.85 -14.46
CA GLY B 70 -20.18 2.96 -14.22
C GLY B 70 -20.28 2.33 -12.85
N ASP B 71 -19.20 2.42 -12.03
CA ASP B 71 -19.16 1.88 -10.66
C ASP B 71 -20.19 2.60 -9.78
N ASP B 72 -21.06 1.85 -9.09
CA ASP B 72 -22.07 2.42 -8.20
C ASP B 72 -21.66 2.28 -6.72
N PRO B 73 -21.55 3.39 -5.97
CA PRO B 73 -21.17 3.30 -4.55
C PRO B 73 -22.02 2.39 -3.63
N TRP B 74 -23.35 2.30 -3.83
CA TRP B 74 -24.19 1.43 -2.97
C TRP B 74 -23.93 -0.05 -3.19
N VAL B 75 -23.74 -0.47 -4.47
CA VAL B 75 -23.45 -1.84 -4.89
C VAL B 75 -22.06 -2.26 -4.38
N GLU B 76 -21.05 -1.35 -4.48
CA GLU B 76 -19.69 -1.64 -4.00
C GLU B 76 -19.68 -1.76 -2.49
N HIS B 77 -20.44 -0.91 -1.79
CA HIS B 77 -20.62 -0.96 -0.36
C HIS B 77 -21.19 -2.34 0.07
N ALA B 78 -22.18 -2.86 -0.71
CA ALA B 78 -22.86 -4.15 -0.51
C ALA B 78 -21.99 -5.37 -0.83
N LYS B 79 -21.09 -5.29 -1.86
CA LYS B 79 -20.17 -6.37 -2.24
C LYS B 79 -19.15 -6.57 -1.13
N TRP B 80 -18.49 -5.44 -0.72
CA TRP B 80 -17.36 -5.50 0.21
C TRP B 80 -17.67 -5.45 1.70
N PHE B 81 -18.63 -4.62 2.12
CA PHE B 81 -18.98 -4.46 3.56
C PHE B 81 -20.48 -4.75 3.79
N PRO B 82 -20.97 -6.00 3.50
CA PRO B 82 -22.42 -6.31 3.65
C PRO B 82 -23.05 -6.28 5.05
N ARG B 83 -22.24 -6.30 6.11
CA ARG B 83 -22.72 -6.27 7.49
CA ARG B 83 -22.73 -6.25 7.49
C ARG B 83 -22.75 -4.85 8.10
N CYS B 84 -22.51 -3.81 7.25
CA CYS B 84 -22.57 -2.41 7.68
C CYS B 84 -24.03 -2.08 8.01
N GLU B 85 -24.30 -1.67 9.26
CA GLU B 85 -25.61 -1.30 9.81
C GLU B 85 -26.26 -0.18 9.00
N PHE B 86 -25.49 0.84 8.57
CA PHE B 86 -25.97 1.95 7.73
C PHE B 86 -26.47 1.48 6.38
N LEU B 87 -25.69 0.62 5.70
CA LEU B 87 -26.04 0.06 4.39
C LEU B 87 -27.36 -0.74 4.48
N ILE B 88 -27.50 -1.54 5.55
CA ILE B 88 -28.69 -2.34 5.84
C ILE B 88 -29.90 -1.46 6.12
N ARG B 89 -29.74 -0.39 6.91
CA ARG B 89 -30.86 0.51 7.22
C ARG B 89 -31.38 1.24 5.97
N MET B 90 -30.46 1.66 5.07
CA MET B 90 -30.78 2.44 3.86
C MET B 90 -31.26 1.62 2.70
N LYS B 91 -30.57 0.51 2.39
CA LYS B 91 -30.83 -0.33 1.21
C LYS B 91 -31.64 -1.58 1.48
N GLY B 92 -31.62 -2.08 2.72
CA GLY B 92 -32.37 -3.27 3.12
C GLY B 92 -31.61 -4.56 2.93
N GLN B 93 -32.06 -5.64 3.60
CA GLN B 93 -31.44 -6.96 3.52
C GLN B 93 -31.59 -7.64 2.15
N GLU B 94 -32.66 -7.33 1.40
CA GLU B 94 -32.89 -7.90 0.06
C GLU B 94 -31.81 -7.44 -0.93
N PHE B 95 -31.50 -6.13 -0.95
CA PHE B 95 -30.47 -5.55 -1.82
C PHE B 95 -29.13 -6.18 -1.50
N VAL B 96 -28.71 -6.11 -0.22
CA VAL B 96 -27.46 -6.67 0.30
C VAL B 96 -27.32 -8.17 -0.09
N ASP B 97 -28.37 -8.98 0.08
CA ASP B 97 -28.43 -10.39 -0.32
C ASP B 97 -28.26 -10.59 -1.85
N GLU B 98 -29.03 -9.85 -2.70
CA GLU B 98 -28.99 -9.89 -4.17
C GLU B 98 -27.58 -9.61 -4.71
N ILE B 99 -26.89 -8.59 -4.13
CA ILE B 99 -25.54 -8.22 -4.54
C ILE B 99 -24.54 -9.31 -4.12
N GLN B 100 -24.71 -9.89 -2.93
CA GLN B 100 -23.87 -10.96 -2.42
C GLN B 100 -24.01 -12.23 -3.27
N GLY B 101 -25.20 -12.44 -3.85
CA GLY B 101 -25.50 -13.55 -4.76
C GLY B 101 -24.84 -13.41 -6.12
N ARG B 102 -24.73 -12.18 -6.63
CA ARG B 102 -24.10 -11.83 -7.91
C ARG B 102 -22.57 -11.96 -7.86
N TYR B 103 -21.97 -11.78 -6.66
CA TYR B 103 -20.54 -11.85 -6.41
C TYR B 103 -20.24 -12.92 -5.33
N PRO B 104 -20.39 -14.24 -5.64
CA PRO B 104 -20.13 -15.24 -4.60
C PRO B 104 -18.67 -15.63 -4.39
N HIS B 105 -17.76 -15.15 -5.25
CA HIS B 105 -16.33 -15.55 -5.15
C HIS B 105 -15.41 -14.35 -5.06
N LEU B 106 -15.79 -13.34 -4.25
CA LEU B 106 -15.04 -12.11 -4.03
C LEU B 106 -13.65 -12.38 -3.43
N LEU B 107 -13.60 -13.13 -2.32
CA LEU B 107 -12.35 -13.53 -1.67
C LEU B 107 -11.45 -14.24 -2.70
N GLU B 108 -12.00 -15.28 -3.40
CA GLU B 108 -11.33 -16.08 -4.44
C GLU B 108 -10.76 -15.20 -5.55
N GLN B 109 -11.49 -14.11 -5.92
CA GLN B 109 -11.13 -13.11 -6.91
C GLN B 109 -9.83 -12.40 -6.49
N LEU B 110 -9.79 -11.82 -5.28
CA LEU B 110 -8.63 -11.11 -4.76
C LEU B 110 -7.42 -11.98 -4.37
N LEU B 111 -7.65 -13.28 -4.14
CA LEU B 111 -6.58 -14.22 -3.75
C LEU B 111 -6.08 -15.03 -4.94
N SER C 11 26.88 -3.16 9.12
CA SER C 11 25.49 -3.47 9.46
C SER C 11 24.76 -4.20 8.32
N ILE C 12 23.87 -5.13 8.65
CA ILE C 12 23.09 -5.99 7.73
C ILE C 12 21.65 -6.20 8.27
N SER C 13 20.65 -5.83 7.47
CA SER C 13 19.23 -5.94 7.82
C SER C 13 18.69 -7.39 7.72
N ASN C 14 19.24 -8.21 6.81
CA ASN C 14 18.81 -9.60 6.63
C ASN C 14 20.05 -10.48 6.50
N LEU C 15 20.43 -11.13 7.62
CA LEU C 15 21.60 -11.99 7.68
C LEU C 15 21.47 -13.23 6.80
N SER C 16 20.25 -13.72 6.55
CA SER C 16 20.05 -14.90 5.69
C SER C 16 20.21 -14.62 4.18
N MET C 17 20.15 -13.34 3.76
CA MET C 17 20.28 -12.95 2.36
C MET C 17 21.64 -12.31 2.01
N GLN C 18 22.66 -12.57 2.85
CA GLN C 18 24.04 -12.10 2.70
C GLN C 18 24.76 -12.58 1.42
N THR C 19 24.39 -13.80 0.94
CA THR C 19 25.02 -14.49 -0.18
C THR C 19 24.18 -14.44 -1.44
N HIS C 20 24.83 -14.21 -2.60
CA HIS C 20 24.23 -14.14 -3.95
C HIS C 20 23.34 -15.39 -4.21
N ALA C 21 23.83 -16.58 -3.80
CA ALA C 21 23.15 -17.87 -3.94
C ALA C 21 21.77 -17.87 -3.28
N ALA C 22 21.69 -17.33 -2.04
CA ALA C 22 20.44 -17.24 -1.25
C ALA C 22 19.47 -16.23 -1.90
N ARG C 23 20.00 -15.11 -2.43
CA ARG C 23 19.18 -14.10 -3.11
C ARG C 23 18.65 -14.65 -4.42
N MET C 24 19.48 -15.40 -5.19
CA MET C 24 19.05 -16.04 -6.44
C MET C 24 17.92 -17.06 -6.24
N ARG C 25 17.87 -17.73 -5.07
CA ARG C 25 16.87 -18.74 -4.73
C ARG C 25 15.43 -18.22 -4.61
N THR C 26 15.29 -16.93 -4.20
CA THR C 26 14.03 -16.20 -4.03
C THR C 26 13.41 -15.86 -5.38
N PHE C 27 14.24 -15.75 -6.40
CA PHE C 27 13.84 -15.41 -7.76
C PHE C 27 13.37 -16.59 -8.62
N MET C 28 13.05 -17.73 -7.99
CA MET C 28 12.61 -18.92 -8.73
C MET C 28 11.29 -18.66 -9.44
N TYR C 29 10.25 -18.23 -8.67
CA TYR C 29 8.93 -17.93 -9.19
C TYR C 29 8.63 -16.42 -9.36
N TRP C 30 9.66 -15.69 -9.84
CA TRP C 30 9.67 -14.27 -10.21
C TRP C 30 8.92 -14.18 -11.56
N PRO C 31 8.08 -13.16 -11.79
CA PRO C 31 7.34 -13.11 -13.07
C PRO C 31 8.23 -12.99 -14.31
N SER C 32 7.88 -13.76 -15.37
CA SER C 32 8.59 -13.77 -16.65
C SER C 32 8.36 -12.47 -17.39
N SER C 33 7.21 -11.81 -17.13
CA SER C 33 6.85 -10.55 -17.77
C SER C 33 7.77 -9.37 -17.39
N VAL C 34 8.41 -9.40 -16.19
CA VAL C 34 9.29 -8.33 -15.69
C VAL C 34 10.56 -8.20 -16.57
N PRO C 35 10.83 -6.99 -17.14
CA PRO C 35 11.98 -6.84 -18.04
C PRO C 35 13.38 -7.02 -17.42
N VAL C 36 13.53 -6.66 -16.14
CA VAL C 36 14.80 -6.76 -15.43
C VAL C 36 15.02 -8.20 -14.98
N GLN C 37 16.20 -8.77 -15.26
CA GLN C 37 16.58 -10.16 -14.96
C GLN C 37 17.03 -10.38 -13.49
N PRO C 38 16.69 -11.53 -12.87
CA PRO C 38 17.11 -11.77 -11.47
C PRO C 38 18.63 -11.77 -11.19
N GLU C 39 19.46 -11.98 -12.22
CA GLU C 39 20.91 -11.98 -12.12
C GLU C 39 21.40 -10.59 -11.73
N GLN C 40 20.96 -9.56 -12.47
CA GLN C 40 21.30 -8.16 -12.20
C GLN C 40 20.80 -7.79 -10.78
N LEU C 41 19.54 -8.13 -10.46
CA LEU C 41 18.93 -7.83 -9.16
C LEU C 41 19.71 -8.39 -7.98
N ALA C 42 19.90 -9.73 -7.90
CA ALA C 42 20.68 -10.38 -6.82
C ALA C 42 22.12 -9.85 -6.70
N SER C 43 22.74 -9.47 -7.85
CA SER C 43 24.09 -8.95 -7.86
C SER C 43 24.15 -7.56 -7.23
N ALA C 44 23.02 -6.82 -7.25
CA ALA C 44 22.90 -5.49 -6.67
C ALA C 44 22.41 -5.53 -5.19
N GLY C 45 22.40 -6.72 -4.60
CA GLY C 45 22.04 -6.96 -3.21
C GLY C 45 20.58 -7.23 -2.96
N PHE C 46 19.76 -7.28 -4.01
CA PHE C 46 18.31 -7.48 -3.87
C PHE C 46 17.85 -8.95 -3.89
N TYR C 47 16.80 -9.25 -3.12
CA TYR C 47 16.16 -10.57 -3.05
C TYR C 47 14.64 -10.38 -3.23
N TYR C 48 13.95 -11.39 -3.78
CA TYR C 48 12.54 -11.35 -4.04
C TYR C 48 11.74 -11.54 -2.76
N VAL C 49 10.85 -10.57 -2.52
CA VAL C 49 9.95 -10.42 -1.37
C VAL C 49 8.69 -11.32 -1.43
N GLY C 50 8.20 -11.64 -2.63
CA GLY C 50 7.06 -12.54 -2.81
C GLY C 50 5.73 -11.93 -3.24
N ARG C 51 5.70 -10.59 -3.41
CA ARG C 51 4.55 -9.79 -3.86
C ARG C 51 4.98 -9.01 -5.09
N ASN C 52 4.14 -8.95 -6.16
CA ASN C 52 4.39 -8.18 -7.39
C ASN C 52 5.83 -8.39 -7.93
N ASP C 53 6.55 -7.28 -8.21
CA ASP C 53 7.95 -7.29 -8.60
C ASP C 53 8.79 -6.59 -7.49
N ASP C 54 8.28 -6.68 -6.23
CA ASP C 54 8.88 -6.11 -5.00
C ASP C 54 10.17 -6.84 -4.59
N VAL C 55 11.28 -6.07 -4.48
CA VAL C 55 12.60 -6.55 -4.06
C VAL C 55 13.10 -5.72 -2.87
N LYS C 56 13.97 -6.30 -2.04
CA LYS C 56 14.57 -5.60 -0.90
C LYS C 56 16.06 -5.87 -0.86
N CYS C 57 16.84 -4.87 -0.39
CA CYS C 57 18.29 -5.03 -0.23
C CYS C 57 18.57 -5.71 1.12
N PHE C 58 19.37 -6.80 1.12
CA PHE C 58 19.73 -7.55 2.34
C PHE C 58 20.42 -6.67 3.40
N CYS C 59 21.03 -5.57 2.96
CA CYS C 59 21.85 -4.67 3.75
C CYS C 59 21.08 -3.45 4.30
N CYS C 60 20.60 -2.57 3.42
CA CYS C 60 19.92 -1.33 3.80
C CYS C 60 18.41 -1.46 4.01
N ASP C 61 17.83 -2.64 3.77
CA ASP C 61 16.39 -2.92 3.86
C ASP C 61 15.55 -2.05 2.86
N GLY C 62 16.23 -1.41 1.92
CA GLY C 62 15.58 -0.58 0.92
C GLY C 62 14.87 -1.41 -0.12
N GLY C 63 13.60 -1.08 -0.33
CA GLY C 63 12.76 -1.77 -1.29
C GLY C 63 12.50 -1.01 -2.58
N LEU C 64 12.44 -1.75 -3.70
CA LEU C 64 12.14 -1.22 -5.04
C LEU C 64 11.11 -2.08 -5.74
N ARG C 65 10.33 -1.46 -6.63
CA ARG C 65 9.29 -2.13 -7.41
C ARG C 65 9.05 -1.40 -8.74
N CYS C 66 8.10 -1.91 -9.58
CA CYS C 66 7.71 -1.34 -10.88
C CYS C 66 8.87 -1.25 -11.89
N TRP C 67 9.63 -2.34 -12.02
CA TRP C 67 10.77 -2.47 -12.93
C TRP C 67 10.31 -2.44 -14.38
N GLU C 68 10.93 -1.57 -15.17
CA GLU C 68 10.61 -1.39 -16.59
C GLU C 68 11.84 -1.67 -17.47
N SER C 69 11.64 -1.76 -18.79
CA SER C 69 12.71 -2.01 -19.76
C SER C 69 13.78 -0.93 -19.70
N GLY C 70 15.03 -1.38 -19.54
CA GLY C 70 16.17 -0.50 -19.47
C GLY C 70 16.64 -0.14 -18.07
N ASP C 71 15.77 -0.35 -17.04
CA ASP C 71 16.07 -0.03 -15.63
C ASP C 71 17.26 -0.87 -15.13
N ASP C 72 18.28 -0.22 -14.57
CA ASP C 72 19.46 -0.92 -14.03
C ASP C 72 19.40 -0.97 -12.49
N PRO C 73 19.45 -2.17 -11.89
CA PRO C 73 19.40 -2.27 -10.41
C PRO C 73 20.45 -1.50 -9.60
N TRP C 74 21.70 -1.35 -10.10
CA TRP C 74 22.72 -0.61 -9.35
C TRP C 74 22.46 0.88 -9.33
N VAL C 75 21.99 1.45 -10.45
CA VAL C 75 21.62 2.86 -10.62
C VAL C 75 20.41 3.20 -9.73
N GLU C 76 19.38 2.31 -9.71
CA GLU C 76 18.19 2.53 -8.89
C GLU C 76 18.51 2.45 -7.43
N HIS C 77 19.40 1.51 -7.06
CA HIS C 77 19.91 1.35 -5.70
C HIS C 77 20.61 2.66 -5.21
N ALA C 78 21.40 3.33 -6.10
CA ALA C 78 22.13 4.59 -5.82
C ALA C 78 21.21 5.80 -5.83
N LYS C 79 20.16 5.73 -6.66
CA LYS C 79 19.13 6.74 -6.90
C LYS C 79 18.27 6.91 -5.64
N TRP C 80 17.86 5.79 -4.98
CA TRP C 80 16.97 5.78 -3.81
C TRP C 80 17.60 5.52 -2.43
N PHE C 81 18.62 4.66 -2.35
CA PHE C 81 19.29 4.32 -1.08
C PHE C 81 20.81 4.61 -1.15
N PRO C 82 21.19 5.91 -1.32
CA PRO C 82 22.63 6.23 -1.51
C PRO C 82 23.59 6.00 -0.36
N ARG C 83 23.09 5.88 0.88
CA ARG C 83 23.88 5.63 2.08
C ARG C 83 24.03 4.15 2.45
N CYS C 84 23.55 3.24 1.58
CA CYS C 84 23.71 1.79 1.77
C CYS C 84 25.19 1.41 1.71
N GLU C 85 25.72 0.84 2.82
CA GLU C 85 27.11 0.41 2.98
C GLU C 85 27.54 -0.57 1.88
N PHE C 86 26.67 -1.56 1.55
CA PHE C 86 26.92 -2.55 0.50
C PHE C 86 27.09 -1.89 -0.90
N LEU C 87 26.15 -1.00 -1.28
CA LEU C 87 26.19 -0.25 -2.55
C LEU C 87 27.51 0.48 -2.68
N ILE C 88 27.91 1.22 -1.61
CA ILE C 88 29.14 1.99 -1.49
C ILE C 88 30.39 1.10 -1.61
N ARG C 89 30.42 -0.05 -0.94
CA ARG C 89 31.57 -0.93 -1.01
C ARG C 89 31.78 -1.53 -2.41
N MET C 90 30.68 -1.84 -3.13
CA MET C 90 30.71 -2.46 -4.45
C MET C 90 30.92 -1.51 -5.60
N LYS C 91 30.17 -0.38 -5.61
CA LYS C 91 30.16 0.61 -6.69
C LYS C 91 31.05 1.85 -6.48
N GLY C 92 31.32 2.19 -5.21
CA GLY C 92 32.16 3.32 -4.84
C GLY C 92 31.38 4.61 -4.70
N GLN C 93 31.96 5.60 -4.01
CA GLN C 93 31.33 6.90 -3.78
C GLN C 93 31.20 7.76 -5.05
N GLU C 94 32.10 7.58 -6.05
CA GLU C 94 32.03 8.33 -7.31
C GLU C 94 30.74 8.00 -8.09
N PHE C 95 30.39 6.71 -8.19
CA PHE C 95 29.20 6.22 -8.87
C PHE C 95 27.97 6.80 -8.20
N VAL C 96 27.83 6.57 -6.87
CA VAL C 96 26.70 7.07 -6.06
C VAL C 96 26.53 8.62 -6.24
N ASP C 97 27.65 9.38 -6.15
CA ASP C 97 27.67 10.83 -6.36
C ASP C 97 27.15 11.23 -7.74
N GLU C 98 27.67 10.61 -8.84
CA GLU C 98 27.21 10.87 -10.20
C GLU C 98 25.68 10.64 -10.32
N ILE C 99 25.16 9.52 -9.77
CA ILE C 99 23.73 9.19 -9.84
C ILE C 99 22.89 10.21 -9.08
N GLN C 100 23.38 10.63 -7.90
CA GLN C 100 22.72 11.64 -7.09
C GLN C 100 22.66 12.99 -7.79
N GLY C 101 23.69 13.29 -8.59
CA GLY C 101 23.79 14.51 -9.38
C GLY C 101 22.82 14.57 -10.54
N ARG C 102 22.53 13.42 -11.21
CA ARG C 102 21.59 13.33 -12.32
C ARG C 102 20.14 13.48 -11.84
N TYR C 103 19.85 13.04 -10.60
CA TYR C 103 18.52 13.08 -10.01
C TYR C 103 18.54 13.97 -8.75
N PRO C 104 18.63 15.33 -8.88
CA PRO C 104 18.71 16.17 -7.68
C PRO C 104 17.38 16.49 -7.00
N HIS C 105 16.24 16.14 -7.62
CA HIS C 105 14.93 16.49 -7.03
C HIS C 105 14.04 15.29 -6.83
N LEU C 106 14.62 14.18 -6.32
CA LEU C 106 13.93 12.92 -6.10
C LEU C 106 12.77 13.04 -5.12
N LEU C 107 13.04 13.57 -3.91
CA LEU C 107 11.99 13.78 -2.91
C LEU C 107 10.88 14.67 -3.50
N GLU C 108 11.26 15.83 -4.10
CA GLU C 108 10.36 16.80 -4.76
C GLU C 108 9.48 16.14 -5.83
N GLN C 109 10.09 15.26 -6.67
CA GLN C 109 9.42 14.51 -7.74
C GLN C 109 8.29 13.65 -7.19
N LEU C 110 8.47 13.08 -5.99
CA LEU C 110 7.45 12.26 -5.33
C LEU C 110 6.31 13.10 -4.86
N LEU C 111 6.60 14.25 -4.22
CA LEU C 111 5.55 15.11 -3.67
C LEU C 111 4.69 15.81 -4.77
N SER C 112 5.25 15.91 -6.00
CA SER C 112 4.66 16.52 -7.21
C SER C 112 3.77 15.54 -8.02
N THR C 113 4.26 14.30 -8.30
CA THR C 113 3.54 13.26 -9.05
C THR C 113 2.74 12.38 -8.10
N SER D 11 -8.11 -29.68 -14.39
CA SER D 11 -7.34 -28.45 -14.25
C SER D 11 -6.11 -28.61 -13.34
N ILE D 12 -4.93 -28.14 -13.82
CA ILE D 12 -3.63 -28.13 -13.12
C ILE D 12 -2.83 -26.87 -13.50
N SER D 13 -2.50 -26.04 -12.52
CA SER D 13 -1.74 -24.79 -12.70
C SER D 13 -0.23 -25.02 -12.91
N ASN D 14 0.33 -26.08 -12.30
CA ASN D 14 1.74 -26.43 -12.45
C ASN D 14 1.90 -27.92 -12.71
N LEU D 15 2.08 -28.29 -14.00
CA LEU D 15 2.21 -29.68 -14.42
C LEU D 15 3.48 -30.35 -13.88
N SER D 16 4.53 -29.58 -13.60
CA SER D 16 5.78 -30.15 -13.06
C SER D 16 5.70 -30.51 -11.56
N MET D 17 4.70 -29.98 -10.83
CA MET D 17 4.54 -30.23 -9.39
C MET D 17 3.36 -31.16 -9.08
N GLN D 18 2.93 -31.93 -10.08
CA GLN D 18 1.82 -32.88 -9.91
C GLN D 18 2.08 -34.11 -9.01
N THR D 19 3.36 -34.43 -8.75
CA THR D 19 3.79 -35.58 -7.92
C THR D 19 4.38 -35.13 -6.59
N HIS D 20 4.05 -35.86 -5.51
CA HIS D 20 4.52 -35.64 -4.14
C HIS D 20 6.07 -35.51 -4.09
N ALA D 21 6.77 -36.39 -4.83
CA ALA D 21 8.24 -36.43 -4.93
C ALA D 21 8.81 -35.10 -5.41
N ALA D 22 8.19 -34.49 -6.45
CA ALA D 22 8.62 -33.22 -7.02
C ALA D 22 8.37 -32.07 -6.04
N ARG D 23 7.22 -32.12 -5.30
CA ARG D 23 6.90 -31.11 -4.30
C ARG D 23 7.84 -31.20 -3.11
N MET D 24 8.19 -32.42 -2.68
CA MET D 24 9.16 -32.63 -1.57
C MET D 24 10.56 -32.08 -1.87
N ARG D 25 10.96 -32.08 -3.16
CA ARG D 25 12.27 -31.61 -3.63
C ARG D 25 12.50 -30.11 -3.49
N THR D 26 11.39 -29.32 -3.53
CA THR D 26 11.39 -27.85 -3.40
C THR D 26 11.64 -27.41 -1.97
N PHE D 27 11.37 -28.28 -1.00
CA PHE D 27 11.59 -28.01 0.41
C PHE D 27 13.06 -28.21 0.90
N MET D 28 14.02 -28.38 -0.03
CA MET D 28 15.46 -28.52 0.27
C MET D 28 16.01 -27.32 1.10
N TYR D 29 15.69 -26.08 0.70
CA TYR D 29 16.15 -24.89 1.41
C TYR D 29 14.98 -24.23 2.19
N TRP D 30 14.08 -25.08 2.77
CA TRP D 30 12.94 -24.70 3.61
C TRP D 30 13.49 -24.38 5.00
N PRO D 31 13.08 -23.27 5.66
CA PRO D 31 13.67 -22.96 6.99
C PRO D 31 13.32 -23.99 8.07
N SER D 32 14.32 -24.32 8.90
CA SER D 32 14.20 -25.27 10.00
C SER D 32 13.31 -24.72 11.11
N SER D 33 13.30 -23.39 11.24
CA SER D 33 12.52 -22.66 12.23
C SER D 33 11.00 -22.77 12.06
N VAL D 34 10.50 -23.00 10.82
CA VAL D 34 9.06 -23.10 10.50
C VAL D 34 8.42 -24.32 11.21
N PRO D 35 7.35 -24.11 12.03
CA PRO D 35 6.75 -25.23 12.77
C PRO D 35 6.08 -26.34 11.96
N VAL D 36 5.50 -26.01 10.82
CA VAL D 36 4.83 -26.97 9.95
C VAL D 36 5.89 -27.70 9.10
N GLN D 37 5.81 -29.06 9.07
CA GLN D 37 6.77 -29.94 8.37
C GLN D 37 6.50 -30.06 6.85
N PRO D 38 7.55 -30.15 6.00
CA PRO D 38 7.32 -30.27 4.54
C PRO D 38 6.50 -31.48 4.08
N GLU D 39 6.44 -32.54 4.90
CA GLU D 39 5.64 -33.72 4.61
C GLU D 39 4.15 -33.39 4.57
N GLN D 40 3.65 -32.68 5.63
CA GLN D 40 2.25 -32.25 5.70
C GLN D 40 1.87 -31.26 4.58
N LEU D 41 2.84 -30.41 4.19
CA LEU D 41 2.64 -29.43 3.13
C LEU D 41 2.53 -30.09 1.75
N ALA D 42 3.55 -30.86 1.30
CA ALA D 42 3.56 -31.56 0.02
C ALA D 42 2.36 -32.51 -0.17
N SER D 43 1.91 -33.22 0.93
CA SER D 43 0.74 -34.11 0.92
C SER D 43 -0.56 -33.32 0.66
N ALA D 44 -0.59 -32.00 1.04
CA ALA D 44 -1.73 -31.13 0.83
C ALA D 44 -1.69 -30.37 -0.53
N GLY D 45 -0.77 -30.78 -1.40
CA GLY D 45 -0.60 -30.24 -2.74
C GLY D 45 0.33 -29.06 -2.87
N PHE D 46 0.97 -28.66 -1.77
CA PHE D 46 1.86 -27.47 -1.78
C PHE D 46 3.34 -27.77 -2.08
N TYR D 47 3.99 -26.83 -2.76
CA TYR D 47 5.41 -26.87 -3.08
C TYR D 47 6.06 -25.52 -2.68
N TYR D 48 7.32 -25.55 -2.24
CA TYR D 48 8.05 -24.36 -1.80
C TYR D 48 8.42 -23.50 -2.99
N VAL D 49 8.26 -22.19 -2.80
CA VAL D 49 8.45 -21.20 -3.85
C VAL D 49 9.76 -20.41 -3.76
N GLY D 50 10.49 -20.60 -2.66
CA GLY D 50 11.84 -20.08 -2.50
C GLY D 50 12.01 -18.79 -1.72
N ARG D 51 10.89 -18.20 -1.22
CA ARG D 51 10.87 -16.94 -0.46
C ARG D 51 10.13 -17.19 0.86
N ASN D 52 10.68 -16.68 2.00
CA ASN D 52 10.07 -16.79 3.35
C ASN D 52 9.59 -18.23 3.60
N ASP D 53 8.33 -18.40 4.03
CA ASP D 53 7.69 -19.71 4.20
C ASP D 53 6.51 -19.83 3.20
N ASP D 54 6.65 -19.13 2.02
CA ASP D 54 5.68 -19.08 0.92
C ASP D 54 5.56 -20.41 0.16
N VAL D 55 4.33 -20.97 0.11
CA VAL D 55 3.99 -22.21 -0.62
C VAL D 55 2.85 -21.96 -1.61
N LYS D 56 2.77 -22.77 -2.66
CA LYS D 56 1.70 -22.68 -3.67
C LYS D 56 1.16 -24.08 -3.98
N CYS D 57 -0.14 -24.20 -4.31
CA CYS D 57 -0.77 -25.47 -4.67
C CYS D 57 -0.55 -25.72 -6.17
N PHE D 58 -0.03 -26.91 -6.53
CA PHE D 58 0.23 -27.28 -7.92
C PHE D 58 -1.02 -27.21 -8.81
N CYS D 59 -2.19 -27.31 -8.17
CA CYS D 59 -3.51 -27.39 -8.80
C CYS D 59 -4.21 -26.03 -8.91
N CYS D 60 -4.60 -25.42 -7.77
CA CYS D 60 -5.34 -24.16 -7.74
C CYS D 60 -4.50 -22.90 -7.78
N ASP D 61 -3.15 -23.03 -7.76
CA ASP D 61 -2.20 -21.91 -7.74
C ASP D 61 -2.34 -21.00 -6.50
N GLY D 62 -3.12 -21.43 -5.51
CA GLY D 62 -3.35 -20.72 -4.26
C GLY D 62 -2.12 -20.75 -3.37
N GLY D 63 -1.70 -19.57 -2.92
CA GLY D 63 -0.54 -19.42 -2.05
C GLY D 63 -0.84 -19.15 -0.60
N LEU D 64 -0.03 -19.73 0.30
CA LEU D 64 -0.12 -19.58 1.76
C LEU D 64 1.24 -19.28 2.37
N ARG D 65 1.22 -18.55 3.49
CA ARG D 65 2.41 -18.17 4.24
C ARG D 65 2.13 -17.94 5.74
N CYS D 66 3.19 -17.57 6.52
CA CYS D 66 3.14 -17.31 7.97
C CYS D 66 2.62 -18.48 8.81
N TRP D 67 3.18 -19.68 8.52
CA TRP D 67 2.86 -20.93 9.21
C TRP D 67 3.31 -20.86 10.67
N GLU D 68 2.38 -21.16 11.57
CA GLU D 68 2.61 -21.16 13.00
C GLU D 68 2.36 -22.55 13.59
N SER D 69 2.75 -22.76 14.86
CA SER D 69 2.58 -24.03 15.57
C SER D 69 1.13 -24.45 15.65
N GLY D 70 0.86 -25.67 15.19
CA GLY D 70 -0.47 -26.25 15.18
C GLY D 70 -1.26 -26.09 13.90
N ASP D 71 -0.80 -25.21 12.99
CA ASP D 71 -1.47 -24.95 11.69
C ASP D 71 -1.46 -26.21 10.83
N ASP D 72 -2.63 -26.64 10.34
CA ASP D 72 -2.75 -27.83 9.49
C ASP D 72 -2.90 -27.44 8.00
N PRO D 73 -2.00 -27.91 7.11
CA PRO D 73 -2.11 -27.55 5.68
C PRO D 73 -3.44 -27.87 4.98
N TRP D 74 -4.13 -28.96 5.32
CA TRP D 74 -5.40 -29.31 4.67
C TRP D 74 -6.55 -28.38 5.05
N VAL D 75 -6.62 -27.99 6.34
CA VAL D 75 -7.60 -27.05 6.91
C VAL D 75 -7.37 -25.65 6.30
N GLU D 76 -6.11 -25.20 6.21
CA GLU D 76 -5.79 -23.89 5.64
C GLU D 76 -6.11 -23.87 4.15
N HIS D 77 -5.88 -24.99 3.47
CA HIS D 77 -6.21 -25.17 2.06
C HIS D 77 -7.72 -25.06 1.85
N ALA D 78 -8.54 -25.62 2.78
CA ALA D 78 -10.02 -25.60 2.73
C ALA D 78 -10.61 -24.26 3.14
N LYS D 79 -9.89 -23.55 4.03
CA LYS D 79 -10.23 -22.25 4.61
C LYS D 79 -10.10 -21.15 3.56
N TRP D 80 -9.00 -21.14 2.77
CA TRP D 80 -8.70 -20.10 1.75
C TRP D 80 -9.03 -20.46 0.31
N PHE D 81 -8.82 -21.74 -0.11
CA PHE D 81 -9.05 -22.18 -1.49
C PHE D 81 -10.03 -23.35 -1.53
N PRO D 82 -11.32 -23.11 -1.10
CA PRO D 82 -12.32 -24.20 -1.05
C PRO D 82 -12.75 -24.84 -2.37
N ARG D 83 -12.57 -24.16 -3.50
CA ARG D 83 -12.93 -24.62 -4.83
C ARG D 83 -11.80 -25.35 -5.57
N CYS D 84 -10.68 -25.61 -4.89
CA CYS D 84 -9.57 -26.38 -5.47
C CYS D 84 -10.01 -27.81 -5.71
N GLU D 85 -9.96 -28.26 -6.99
CA GLU D 85 -10.34 -29.61 -7.46
C GLU D 85 -9.57 -30.70 -6.74
N PHE D 86 -8.23 -30.49 -6.53
CA PHE D 86 -7.36 -31.45 -5.82
C PHE D 86 -7.80 -31.63 -4.35
N LEU D 87 -8.08 -30.51 -3.64
CA LEU D 87 -8.55 -30.52 -2.26
C LEU D 87 -9.81 -31.36 -2.19
N ILE D 88 -10.79 -31.02 -3.04
CA ILE D 88 -12.09 -31.69 -3.13
C ILE D 88 -11.95 -33.20 -3.40
N ARG D 89 -11.07 -33.61 -4.33
CA ARG D 89 -10.85 -35.02 -4.62
C ARG D 89 -10.26 -35.79 -3.43
N MET D 90 -9.35 -35.15 -2.67
CA MET D 90 -8.64 -35.78 -1.54
C MET D 90 -9.40 -35.77 -0.23
N LYS D 91 -9.96 -34.62 0.14
CA LYS D 91 -10.64 -34.37 1.42
C LYS D 91 -12.16 -34.48 1.40
N GLY D 92 -12.78 -34.31 0.22
CA GLY D 92 -14.22 -34.41 0.02
C GLY D 92 -14.97 -33.11 0.32
N GLN D 93 -16.21 -32.99 -0.17
CA GLN D 93 -17.04 -31.79 0.02
C GLN D 93 -17.49 -31.58 1.49
N GLU D 94 -17.68 -32.67 2.27
CA GLU D 94 -18.07 -32.52 3.68
C GLU D 94 -17.00 -31.76 4.51
N PHE D 95 -15.73 -32.13 4.33
CA PHE D 95 -14.62 -31.52 5.02
C PHE D 95 -14.51 -30.04 4.67
N VAL D 96 -14.62 -29.70 3.38
CA VAL D 96 -14.55 -28.31 2.89
C VAL D 96 -15.76 -27.48 3.45
N ASP D 97 -16.98 -28.01 3.41
CA ASP D 97 -18.18 -27.36 3.96
C ASP D 97 -17.99 -27.07 5.47
N GLU D 98 -17.47 -28.05 6.23
CA GLU D 98 -17.24 -27.96 7.68
C GLU D 98 -16.26 -26.83 8.05
N ILE D 99 -15.17 -26.71 7.28
CA ILE D 99 -14.16 -25.68 7.51
C ILE D 99 -14.70 -24.30 7.13
N GLN D 100 -15.47 -24.23 6.04
CA GLN D 100 -16.08 -22.99 5.58
C GLN D 100 -17.11 -22.46 6.59
N GLY D 101 -17.77 -23.38 7.29
CA GLY D 101 -18.74 -23.09 8.34
C GLY D 101 -18.12 -22.54 9.61
N ARG D 102 -16.90 -23.03 9.96
CA ARG D 102 -16.12 -22.60 11.13
C ARG D 102 -15.57 -21.17 10.96
N TYR D 103 -15.31 -20.75 9.70
CA TYR D 103 -14.75 -19.45 9.34
C TYR D 103 -15.70 -18.76 8.35
N PRO D 104 -16.87 -18.22 8.80
CA PRO D 104 -17.78 -17.60 7.82
C PRO D 104 -17.44 -16.15 7.44
N HIS D 105 -16.49 -15.51 8.14
CA HIS D 105 -16.15 -14.10 7.88
C HIS D 105 -14.69 -13.90 7.57
N LEU D 106 -14.16 -14.67 6.61
CA LEU D 106 -12.78 -14.54 6.17
C LEU D 106 -12.55 -13.15 5.55
N LEU D 107 -13.37 -12.77 4.53
CA LEU D 107 -13.33 -11.48 3.90
C LEU D 107 -13.46 -10.33 4.88
N GLU D 108 -14.57 -10.29 5.68
CA GLU D 108 -14.83 -9.27 6.73
C GLU D 108 -13.60 -9.07 7.61
N GLN D 109 -12.96 -10.19 8.04
CA GLN D 109 -11.75 -10.20 8.87
C GLN D 109 -10.48 -9.71 8.19
N LEU D 110 -10.26 -10.08 6.90
CA LEU D 110 -9.11 -9.62 6.12
C LEU D 110 -9.11 -8.09 6.04
N LEU D 111 -10.30 -7.51 5.73
CA LEU D 111 -10.52 -6.08 5.59
C LEU D 111 -10.60 -5.32 6.94
N SER D 112 -11.17 -5.96 8.00
CA SER D 112 -11.31 -5.36 9.33
C SER D 112 -10.06 -5.54 10.17
#